data_6OVW
#
_entry.id   6OVW
#
_cell.length_a   139.214
_cell.length_b   139.214
_cell.length_c   139.214
_cell.angle_alpha   90.000
_cell.angle_beta   90.000
_cell.angle_gamma   90.000
#
_symmetry.space_group_name_H-M   'P 43 3 2'
#
loop_
_entity.id
_entity.type
_entity.pdbx_description
1 polymer 'Ornithine carbamoyltransferase'
2 non-polymer GLYCEROL
3 non-polymer 'PHOSPHATE ION'
4 water water
#
_entity_poly.entity_id   1
_entity_poly.type   'polypeptide(L)'
_entity_poly.pdbx_seq_one_letter_code
;MSTFYQKPFLKLLDFTASELTALLQLAAKLKADKKNGKEEQKLVGKNIALIFEKDSTRTRCSFEVAAYDQGARVTYLGSS
GSQIGHKESIKDTARVLGRMFDGIQYRGYGQEIVETLAEYSGVPVWNGLTDEYHPTQLLADLLTMQEHLPGKAFNEMTLV
YAGDARNNMGNSMLEAAALTGLDLRLVAPKACWPQAALVAECSAMAKKNGGAITLTEDIASGVKGADFIYTDVWVSMGEP
KEKWAERIALLRDYQVNSQMMALTGNPQVKFLHCLPAFHDDETTLGKKMAEEYGLHGGMEVTDEVFESAASIVFDEAENR
MHTIKAVMVATLSK
;
_entity_poly.pdbx_strand_id   A
#
loop_
_chem_comp.id
_chem_comp.type
_chem_comp.name
_chem_comp.formula
GOL non-polymer GLYCEROL 'C3 H8 O3'
PO4 non-polymer 'PHOSPHATE ION' 'O4 P -3'
#
# COMPACT_ATOMS: atom_id res chain seq x y z
N MET A 1 -9.68 19.63 -4.65
CA MET A 1 -10.48 18.63 -3.93
C MET A 1 -11.77 18.27 -4.64
N SER A 2 -12.38 19.28 -5.26
CA SER A 2 -13.58 19.09 -6.05
C SER A 2 -13.35 18.17 -7.25
N THR A 3 -12.11 18.06 -7.72
CA THR A 3 -11.80 17.17 -8.83
C THR A 3 -12.01 15.69 -8.50
N PHE A 4 -12.14 15.31 -7.22
CA PHE A 4 -12.36 13.89 -6.88
C PHE A 4 -13.82 13.47 -6.99
N TYR A 5 -14.75 14.42 -6.93
CA TYR A 5 -16.16 14.08 -6.78
C TYR A 5 -16.64 13.19 -7.93
N GLN A 6 -17.27 12.07 -7.56
CA GLN A 6 -17.80 11.06 -8.50
C GLN A 6 -16.72 10.44 -9.39
N LYS A 7 -15.44 10.50 -9.02
CA LYS A 7 -14.41 9.84 -9.80
C LYS A 7 -13.98 8.52 -9.14
N PRO A 8 -13.44 7.58 -9.91
CA PRO A 8 -12.83 6.38 -9.30
C PRO A 8 -11.43 6.70 -8.80
N PHE A 9 -10.86 5.75 -8.07
CA PHE A 9 -9.47 5.84 -7.60
C PHE A 9 -8.78 4.52 -7.95
N LEU A 10 -8.20 4.46 -9.16
CA LEU A 10 -7.70 3.18 -9.69
C LEU A 10 -6.20 3.03 -9.59
N LYS A 11 -5.46 4.14 -9.65
CA LYS A 11 -4.02 4.12 -9.39
C LYS A 11 -3.55 5.55 -9.17
N LEU A 12 -2.39 5.70 -8.54
CA LEU A 12 -1.92 7.04 -8.18
C LEU A 12 -1.71 7.91 -9.42
N LEU A 13 -1.23 7.31 -10.53
CA LEU A 13 -0.91 8.11 -11.73
C LEU A 13 -2.14 8.73 -12.38
N ASP A 14 -3.34 8.35 -11.98
CA ASP A 14 -4.52 9.06 -12.46
C ASP A 14 -4.70 10.42 -11.82
N PHE A 15 -3.82 10.82 -10.90
CA PHE A 15 -3.99 12.07 -10.17
C PHE A 15 -2.74 12.91 -10.26
N THR A 16 -2.90 14.20 -10.01
CA THR A 16 -1.79 15.14 -9.97
C THR A 16 -1.22 15.21 -8.57
N ALA A 17 -0.01 15.76 -8.49
CA ALA A 17 0.62 15.97 -7.19
C ALA A 17 -0.25 16.82 -6.28
N SER A 18 -0.88 17.87 -6.84
CA SER A 18 -1.70 18.76 -6.02
C SER A 18 -2.94 18.04 -5.51
N GLU A 19 -3.52 17.18 -6.33
CA GLU A 19 -4.68 16.41 -5.89
C GLU A 19 -4.29 15.45 -4.77
N LEU A 20 -3.15 14.79 -4.91
CA LEU A 20 -2.66 13.92 -3.84
C LEU A 20 -2.45 14.71 -2.55
N THR A 21 -1.86 15.90 -2.64
CA THR A 21 -1.68 16.73 -1.45
C THR A 21 -3.01 17.04 -0.79
N ALA A 22 -4.02 17.40 -1.59
CA ALA A 22 -5.31 17.71 -1.00
C ALA A 22 -5.95 16.47 -0.36
N LEU A 23 -5.79 15.31 -1.00
CA LEU A 23 -6.34 14.08 -0.44
C LEU A 23 -5.72 13.75 0.92
N LEU A 24 -4.39 13.86 1.01
CA LEU A 24 -3.70 13.56 2.27
C LEU A 24 -4.03 14.58 3.34
N GLN A 25 -4.28 15.84 2.96
CA GLN A 25 -4.74 16.82 3.93
C GLN A 25 -6.13 16.45 4.47
N LEU A 26 -7.02 16.00 3.59
CA LEU A 26 -8.33 15.51 4.05
C LEU A 26 -8.17 14.33 5.00
N ALA A 27 -7.32 13.37 4.64
CA ALA A 27 -7.12 12.25 5.55
C ALA A 27 -6.65 12.72 6.93
N ALA A 28 -5.73 13.68 6.95
CA ALA A 28 -5.21 14.18 8.23
C ALA A 28 -6.32 14.91 9.00
N LYS A 29 -7.18 15.63 8.31
CA LYS A 29 -8.30 16.30 8.98
C LYS A 29 -9.26 15.29 9.59
N LEU A 30 -9.63 14.27 8.80
CA LEU A 30 -10.54 13.23 9.29
C LEU A 30 -9.94 12.49 10.48
N LYS A 31 -8.64 12.22 10.43
CA LYS A 31 -7.97 11.57 11.56
C LYS A 31 -8.04 12.44 12.81
N ALA A 32 -7.72 13.73 12.68
CA ALA A 32 -7.78 14.66 13.82
C ALA A 32 -9.19 14.77 14.35
N ASP A 33 -10.17 14.95 13.44
CA ASP A 33 -11.56 15.08 13.88
C ASP A 33 -12.01 13.88 14.69
N LYS A 34 -11.69 12.65 14.23
CA LYS A 34 -12.11 11.48 14.98
C LYS A 34 -11.41 11.41 16.34
N LYS A 35 -10.10 11.67 16.36
CA LYS A 35 -9.38 11.65 17.62
C LYS A 35 -9.99 12.65 18.62
N ASN A 36 -10.43 13.80 18.13
CA ASN A 36 -10.97 14.85 19.00
C ASN A 36 -12.47 14.71 19.25
N GLY A 37 -13.09 13.63 18.77
CA GLY A 37 -14.49 13.44 19.03
C GLY A 37 -15.43 14.37 18.30
N LYS A 38 -15.02 14.92 17.15
CA LYS A 38 -15.84 15.86 16.40
C LYS A 38 -15.94 15.48 14.92
N GLU A 39 -15.88 14.19 14.60
CA GLU A 39 -16.04 13.77 13.21
C GLU A 39 -17.42 14.18 12.69
N GLU A 40 -17.46 14.73 11.49
CA GLU A 40 -18.71 15.09 10.84
C GLU A 40 -18.97 14.07 9.74
N GLN A 41 -20.10 13.37 9.83
CA GLN A 41 -20.40 12.31 8.86
C GLN A 41 -20.86 12.91 7.54
N LYS A 42 -20.18 12.55 6.47
CA LYS A 42 -20.54 13.01 5.14
C LYS A 42 -21.23 11.94 4.29
N LEU A 43 -21.29 10.69 4.74
CA LEU A 43 -21.75 9.59 3.90
C LEU A 43 -23.04 8.95 4.43
N VAL A 44 -23.83 9.68 5.21
CA VAL A 44 -25.09 9.11 5.70
C VAL A 44 -25.96 8.76 4.51
N GLY A 45 -26.52 7.56 4.51
CA GLY A 45 -27.39 7.15 3.42
C GLY A 45 -26.69 6.55 2.21
N LYS A 46 -25.37 6.43 2.25
CA LYS A 46 -24.63 5.81 1.16
C LYS A 46 -24.42 4.33 1.45
N ASN A 47 -24.56 3.50 0.41
CA ASN A 47 -24.34 2.06 0.51
C ASN A 47 -23.09 1.70 -0.30
N ILE A 48 -22.13 1.05 0.34
CA ILE A 48 -20.84 0.76 -0.28
C ILE A 48 -20.66 -0.75 -0.36
N ALA A 49 -20.19 -1.24 -1.50
CA ALA A 49 -19.90 -2.66 -1.69
C ALA A 49 -18.39 -2.90 -1.58
N LEU A 50 -18.00 -3.97 -0.86
CA LEU A 50 -16.59 -4.40 -0.80
C LEU A 50 -16.46 -5.69 -1.58
N ILE A 51 -15.86 -5.61 -2.76
CA ILE A 51 -15.69 -6.77 -3.64
C ILE A 51 -14.27 -7.24 -3.40
N PHE A 52 -14.09 -8.15 -2.46
CA PHE A 52 -12.73 -8.53 -2.06
C PHE A 52 -12.52 -9.96 -2.60
N GLU A 53 -12.01 -10.05 -3.83
CA GLU A 53 -11.67 -11.33 -4.43
C GLU A 53 -10.45 -11.95 -3.80
N LYS A 54 -9.51 -11.12 -3.36
CA LYS A 54 -8.35 -11.57 -2.61
C LYS A 54 -8.48 -10.94 -1.24
N ASP A 55 -8.39 -11.77 -0.21
CA ASP A 55 -8.84 -11.37 1.10
C ASP A 55 -8.04 -12.16 2.12
N SER A 56 -7.67 -11.51 3.22
CA SER A 56 -7.45 -12.19 4.49
C SER A 56 -8.61 -11.81 5.41
N THR A 57 -8.80 -12.58 6.48
CA THR A 57 -9.97 -12.35 7.33
C THR A 57 -10.01 -10.91 7.84
N ARG A 58 -8.84 -10.35 8.18
CA ARG A 58 -8.78 -9.03 8.80
C ARG A 58 -8.92 -7.89 7.79
N THR A 59 -8.72 -8.16 6.50
CA THR A 59 -8.56 -7.08 5.51
C THR A 59 -9.73 -6.09 5.50
N ARG A 60 -10.94 -6.58 5.69
CA ARG A 60 -12.11 -5.73 5.57
C ARG A 60 -12.19 -4.67 6.67
N CYS A 61 -11.43 -4.80 7.77
CA CYS A 61 -11.69 -3.96 8.94
C CYS A 61 -11.53 -2.47 8.65
N SER A 62 -10.37 -2.08 8.10
CA SER A 62 -10.14 -0.65 7.85
C SER A 62 -11.20 -0.04 6.93
N PHE A 63 -11.62 -0.79 5.90
CA PHE A 63 -12.66 -0.27 5.01
C PHE A 63 -14.01 -0.14 5.71
N GLU A 64 -14.41 -1.15 6.52
CA GLU A 64 -15.72 -1.05 7.18
C GLU A 64 -15.75 0.09 8.20
N VAL A 65 -14.71 0.19 9.05
CA VAL A 65 -14.66 1.28 10.04
C VAL A 65 -14.71 2.65 9.36
N ALA A 66 -13.97 2.80 8.25
CA ALA A 66 -13.98 4.09 7.55
C ALA A 66 -15.41 4.45 7.11
N ALA A 67 -16.10 3.47 6.52
CA ALA A 67 -17.47 3.70 6.05
C ALA A 67 -18.42 3.95 7.21
N TYR A 68 -18.35 3.09 8.24
CA TYR A 68 -19.21 3.22 9.41
C TYR A 68 -19.05 4.56 10.10
N ASP A 69 -17.79 5.00 10.30
CA ASP A 69 -17.53 6.29 10.94
C ASP A 69 -18.23 7.42 10.20
N GLN A 70 -18.22 7.34 8.87
CA GLN A 70 -18.80 8.35 8.00
C GLN A 70 -20.29 8.17 7.77
N GLY A 71 -20.93 7.20 8.44
CA GLY A 71 -22.37 7.02 8.35
C GLY A 71 -22.86 6.11 7.24
N ALA A 72 -21.96 5.55 6.43
CA ALA A 72 -22.39 4.68 5.33
C ALA A 72 -22.69 3.25 5.83
N ARG A 73 -23.38 2.47 5.00
CA ARG A 73 -23.62 1.06 5.27
C ARG A 73 -22.74 0.27 4.31
N VAL A 74 -22.38 -0.95 4.69
CA VAL A 74 -21.42 -1.73 3.89
C VAL A 74 -21.99 -3.12 3.64
N THR A 75 -21.75 -3.65 2.44
CA THR A 75 -21.99 -5.03 2.07
C THR A 75 -20.66 -5.62 1.66
N TYR A 76 -20.18 -6.59 2.44
CA TYR A 76 -18.90 -7.24 2.19
C TYR A 76 -19.14 -8.48 1.33
N LEU A 77 -18.42 -8.58 0.22
CA LEU A 77 -18.52 -9.76 -0.65
C LEU A 77 -17.13 -10.37 -0.77
N GLY A 78 -16.91 -11.49 -0.10
CA GLY A 78 -15.57 -12.01 0.11
C GLY A 78 -15.17 -13.06 -0.92
N SER A 79 -13.97 -13.62 -0.70
CA SER A 79 -13.32 -14.50 -1.65
C SER A 79 -13.71 -15.97 -1.48
N SER A 80 -14.75 -16.24 -0.68
CA SER A 80 -15.14 -17.63 -0.44
C SER A 80 -15.83 -18.23 -1.67
N GLY A 81 -16.65 -17.44 -2.35
CA GLY A 81 -17.33 -17.91 -3.54
C GLY A 81 -16.39 -18.03 -4.73
N SER A 82 -16.97 -18.03 -5.93
CA SER A 82 -16.16 -18.05 -7.13
C SER A 82 -15.68 -16.64 -7.47
N GLN A 83 -14.63 -16.57 -8.28
CA GLN A 83 -14.14 -15.27 -8.74
C GLN A 83 -15.16 -14.59 -9.62
N ILE A 84 -15.12 -13.25 -9.63
CA ILE A 84 -15.86 -12.51 -10.63
C ILE A 84 -15.36 -12.92 -12.01
N GLY A 85 -16.28 -13.07 -12.96
CA GLY A 85 -15.89 -13.53 -14.28
C GLY A 85 -15.84 -15.03 -14.42
N HIS A 86 -16.25 -15.77 -13.39
CA HIS A 86 -16.37 -17.22 -13.49
C HIS A 86 -17.74 -17.62 -14.02
N LYS A 87 -18.79 -17.08 -13.39
CA LYS A 87 -20.16 -17.36 -13.73
C LYS A 87 -20.86 -16.18 -14.37
N GLU A 88 -20.36 -14.97 -14.13
CA GLU A 88 -20.98 -13.78 -14.68
C GLU A 88 -19.88 -12.84 -15.14
N SER A 89 -20.06 -12.23 -16.30
CA SER A 89 -19.00 -11.37 -16.83
C SER A 89 -18.79 -10.14 -15.92
N ILE A 90 -17.57 -9.60 -15.96
CA ILE A 90 -17.26 -8.40 -15.20
C ILE A 90 -18.19 -7.26 -15.59
N LYS A 91 -18.43 -7.09 -16.90
CA LYS A 91 -19.30 -6.00 -17.34
C LYS A 91 -20.72 -6.14 -16.78
N ASP A 92 -21.25 -7.36 -16.80
CA ASP A 92 -22.59 -7.59 -16.26
C ASP A 92 -22.63 -7.30 -14.77
N THR A 93 -21.64 -7.81 -14.05
CA THR A 93 -21.54 -7.58 -12.61
C THR A 93 -21.45 -6.08 -12.30
N ALA A 94 -20.61 -5.36 -13.04
CA ALA A 94 -20.48 -3.93 -12.81
C ALA A 94 -21.82 -3.21 -13.01
N ARG A 95 -22.55 -3.56 -14.07
CA ARG A 95 -23.82 -2.89 -14.32
C ARG A 95 -24.82 -3.15 -13.20
N VAL A 96 -24.89 -4.39 -12.72
CA VAL A 96 -25.83 -4.67 -11.62
C VAL A 96 -25.43 -3.93 -10.34
N LEU A 97 -24.16 -4.08 -9.93
CA LEU A 97 -23.68 -3.44 -8.70
C LEU A 97 -23.87 -1.93 -8.74
N GLY A 98 -23.62 -1.33 -9.90
CA GLY A 98 -23.70 0.12 -10.00
C GLY A 98 -25.10 0.66 -9.84
N ARG A 99 -26.13 -0.15 -10.10
CA ARG A 99 -27.47 0.32 -9.78
C ARG A 99 -27.82 0.19 -8.30
N MET A 100 -27.13 -0.67 -7.55
CA MET A 100 -27.42 -0.93 -6.14
C MET A 100 -26.60 -0.06 -5.19
N PHE A 101 -25.34 0.17 -5.51
CA PHE A 101 -24.41 0.75 -4.54
C PHE A 101 -23.98 2.14 -4.98
N ASP A 102 -23.63 2.99 -3.99
CA ASP A 102 -23.07 4.31 -4.29
C ASP A 102 -21.57 4.28 -4.56
N GLY A 103 -20.88 3.27 -4.08
CA GLY A 103 -19.45 3.17 -4.32
C GLY A 103 -19.03 1.73 -4.14
N ILE A 104 -17.92 1.38 -4.78
CA ILE A 104 -17.44 -0.02 -4.80
C ILE A 104 -15.95 -0.04 -4.50
N GLN A 105 -15.54 -0.79 -3.48
CA GLN A 105 -14.10 -1.00 -3.24
C GLN A 105 -13.73 -2.38 -3.78
N TYR A 106 -12.64 -2.45 -4.53
CA TYR A 106 -12.19 -3.70 -5.14
C TYR A 106 -10.83 -4.13 -4.59
N ARG A 107 -10.70 -5.41 -4.27
CA ARG A 107 -9.38 -5.98 -3.99
C ARG A 107 -9.30 -7.31 -4.69
N GLY A 108 -8.32 -7.48 -5.59
CA GLY A 108 -8.28 -8.71 -6.35
C GLY A 108 -7.08 -8.87 -7.25
N TYR A 109 -7.36 -9.12 -8.52
CA TYR A 109 -6.38 -9.62 -9.48
C TYR A 109 -6.01 -8.55 -10.49
N GLY A 110 -6.24 -8.78 -11.79
CA GLY A 110 -5.69 -7.89 -12.80
C GLY A 110 -6.30 -6.50 -12.77
N GLN A 111 -5.46 -5.50 -13.09
CA GLN A 111 -5.92 -4.12 -13.15
C GLN A 111 -7.08 -3.95 -14.12
N GLU A 112 -7.14 -4.78 -15.18
CA GLU A 112 -8.22 -4.60 -16.15
C GLU A 112 -9.59 -4.86 -15.51
N ILE A 113 -9.66 -5.75 -14.52
CA ILE A 113 -10.91 -6.00 -13.79
C ILE A 113 -11.42 -4.73 -13.14
N VAL A 114 -10.56 -4.03 -12.39
CA VAL A 114 -11.01 -2.81 -11.72
C VAL A 114 -11.29 -1.70 -12.74
N GLU A 115 -10.54 -1.62 -13.85
CA GLU A 115 -10.88 -0.66 -14.90
C GLU A 115 -12.26 -0.92 -15.48
N THR A 116 -12.59 -2.18 -15.72
CA THR A 116 -13.91 -2.52 -16.26
C THR A 116 -15.02 -2.20 -15.25
N LEU A 117 -14.82 -2.56 -13.98
CA LEU A 117 -15.78 -2.18 -12.96
C LEU A 117 -16.02 -0.68 -12.99
N ALA A 118 -14.94 0.10 -13.07
CA ALA A 118 -15.07 1.55 -13.05
C ALA A 118 -15.82 2.04 -14.28
N GLU A 119 -15.51 1.45 -15.42
CA GLU A 119 -16.09 1.95 -16.67
C GLU A 119 -17.59 1.66 -16.76
N TYR A 120 -18.02 0.48 -16.32
CA TYR A 120 -19.40 0.05 -16.55
C TYR A 120 -20.32 0.15 -15.34
N SER A 121 -19.82 0.46 -14.15
CA SER A 121 -20.72 0.58 -12.99
C SER A 121 -21.41 1.93 -12.91
N GLY A 122 -20.79 2.99 -13.42
CA GLY A 122 -21.34 4.31 -13.25
C GLY A 122 -21.22 4.91 -11.85
N VAL A 123 -20.41 4.33 -10.97
CA VAL A 123 -20.22 4.89 -9.63
C VAL A 123 -18.74 4.81 -9.31
N PRO A 124 -18.29 5.56 -8.30
CA PRO A 124 -16.85 5.49 -7.96
C PRO A 124 -16.46 4.08 -7.57
N VAL A 125 -15.36 3.63 -8.14
CA VAL A 125 -14.75 2.34 -7.85
C VAL A 125 -13.36 2.67 -7.34
N TRP A 126 -12.97 2.07 -6.22
CA TRP A 126 -11.70 2.36 -5.59
C TRP A 126 -10.89 1.09 -5.57
N ASN A 127 -9.66 1.19 -6.07
CA ASN A 127 -8.79 0.02 -6.17
C ASN A 127 -8.04 -0.11 -4.85
N GLY A 128 -8.39 -1.12 -4.04
CA GLY A 128 -7.63 -1.35 -2.82
C GLY A 128 -6.34 -2.08 -3.14
N LEU A 129 -6.43 -3.09 -4.00
CA LEU A 129 -5.27 -3.89 -4.40
C LEU A 129 -5.56 -4.62 -5.72
N THR A 130 -4.61 -4.56 -6.66
CA THR A 130 -4.61 -5.41 -7.84
C THR A 130 -3.24 -6.05 -7.97
N ASP A 131 -3.08 -6.91 -9.00
CA ASP A 131 -1.76 -7.45 -9.33
C ASP A 131 -0.74 -6.34 -9.52
N GLU A 132 -1.15 -5.25 -10.16
CA GLU A 132 -0.22 -4.20 -10.54
C GLU A 132 0.05 -3.14 -9.46
N TYR A 133 -0.96 -2.77 -8.63
CA TYR A 133 -0.78 -1.63 -7.73
C TYR A 133 -1.39 -1.93 -6.37
N HIS A 134 -0.92 -1.20 -5.35
CA HIS A 134 -1.50 -1.29 -4.01
C HIS A 134 -1.82 0.10 -3.50
N PRO A 135 -2.81 0.76 -4.12
CA PRO A 135 -3.01 2.18 -3.83
C PRO A 135 -3.36 2.44 -2.37
N THR A 136 -4.17 1.57 -1.77
CA THR A 136 -4.60 1.79 -0.38
C THR A 136 -3.40 1.84 0.56
N GLN A 137 -2.46 0.90 0.39
CA GLN A 137 -1.27 0.89 1.25
C GLN A 137 -0.38 2.08 0.94
N LEU A 138 -0.25 2.45 -0.34
CA LEU A 138 0.61 3.57 -0.70
C LEU A 138 0.12 4.86 -0.02
N LEU A 139 -1.18 5.14 -0.10
CA LEU A 139 -1.71 6.34 0.56
C LEU A 139 -1.42 6.31 2.07
N ALA A 140 -1.59 5.13 2.70
CA ALA A 140 -1.33 5.03 4.14
C ALA A 140 0.13 5.32 4.46
N ASP A 141 1.05 4.77 3.66
CA ASP A 141 2.47 5.07 3.84
C ASP A 141 2.76 6.55 3.64
N LEU A 142 2.19 7.17 2.60
CA LEU A 142 2.51 8.58 2.36
C LEU A 142 2.06 9.45 3.53
N LEU A 143 0.84 9.21 4.03
CA LEU A 143 0.36 9.98 5.20
C LEU A 143 1.28 9.76 6.39
N THR A 144 1.70 8.52 6.60
CA THR A 144 2.56 8.20 7.74
C THR A 144 3.92 8.90 7.61
N MET A 145 4.44 8.95 6.40
CA MET A 145 5.71 9.66 6.17
C MET A 145 5.57 11.15 6.47
N GLN A 146 4.47 11.77 6.01
CA GLN A 146 4.25 13.19 6.33
C GLN A 146 4.19 13.42 7.83
N GLU A 147 3.49 12.53 8.55
CA GLU A 147 3.31 12.73 9.98
C GLU A 147 4.62 12.65 10.72
N HIS A 148 5.57 11.86 10.23
CA HIS A 148 6.84 11.69 10.93
C HIS A 148 7.94 12.57 10.38
N LEU A 149 7.68 13.34 9.32
CA LEU A 149 8.57 14.37 8.81
C LEU A 149 7.76 15.62 8.55
N PRO A 150 7.16 16.22 9.59
CA PRO A 150 6.25 17.34 9.38
C PRO A 150 6.96 18.48 8.65
N GLY A 151 6.21 19.17 7.80
CA GLY A 151 6.75 20.29 7.05
C GLY A 151 7.74 19.96 5.94
N LYS A 152 7.87 18.70 5.55
CA LYS A 152 8.73 18.31 4.43
C LYS A 152 7.88 17.94 3.22
N ALA A 153 8.30 18.40 2.05
CA ALA A 153 7.69 17.90 0.83
C ALA A 153 8.20 16.49 0.56
N PHE A 154 7.40 15.71 -0.18
CA PHE A 154 7.88 14.39 -0.59
C PHE A 154 9.17 14.49 -1.39
N ASN A 155 9.35 15.57 -2.16
CA ASN A 155 10.60 15.65 -2.91
C ASN A 155 11.80 16.00 -2.02
N GLU A 156 11.60 16.13 -0.70
CA GLU A 156 12.68 16.24 0.27
C GLU A 156 12.94 14.94 1.02
N MET A 157 12.26 13.84 0.68
CA MET A 157 12.37 12.60 1.42
C MET A 157 13.04 11.50 0.58
N THR A 158 13.64 10.56 1.29
CA THR A 158 14.28 9.40 0.69
C THR A 158 13.63 8.14 1.27
N LEU A 159 13.08 7.31 0.41
CA LEU A 159 12.40 6.09 0.84
C LEU A 159 13.10 4.89 0.21
N VAL A 160 13.36 3.88 1.05
CA VAL A 160 13.97 2.61 0.63
C VAL A 160 12.93 1.51 0.70
N TYR A 161 12.82 0.71 -0.38
CA TYR A 161 12.11 -0.57 -0.33
C TYR A 161 13.20 -1.63 -0.36
N ALA A 162 13.40 -2.32 0.74
CA ALA A 162 14.40 -3.38 0.82
C ALA A 162 13.75 -4.74 0.63
N GLY A 163 14.44 -5.63 -0.07
CA GLY A 163 13.94 -6.98 -0.21
C GLY A 163 13.43 -7.28 -1.60
N ASP A 164 12.22 -7.80 -1.71
CA ASP A 164 11.64 -8.15 -3.00
C ASP A 164 10.73 -6.99 -3.41
N ALA A 165 11.25 -6.10 -4.26
CA ALA A 165 10.49 -4.95 -4.73
C ALA A 165 9.69 -5.23 -5.99
N ARG A 166 9.70 -6.47 -6.47
CA ARG A 166 8.98 -6.80 -7.70
C ARG A 166 7.57 -7.22 -7.37
N ASN A 167 6.71 -6.23 -7.16
CA ASN A 167 5.33 -6.52 -6.79
C ASN A 167 4.54 -5.23 -6.85
N ASN A 168 3.26 -5.32 -6.52
CA ASN A 168 2.34 -4.19 -6.69
C ASN A 168 2.74 -2.99 -5.83
N MET A 169 3.32 -3.21 -4.66
CA MET A 169 3.75 -2.07 -3.83
C MET A 169 4.98 -1.38 -4.44
N GLY A 170 5.93 -2.15 -4.97
CA GLY A 170 7.04 -1.55 -5.69
C GLY A 170 6.54 -0.66 -6.83
N ASN A 171 5.54 -1.15 -7.58
CA ASN A 171 4.98 -0.35 -8.66
C ASN A 171 4.34 0.93 -8.13
N SER A 172 3.58 0.82 -7.02
CA SER A 172 2.95 2.02 -6.48
C SER A 172 4.02 3.03 -6.03
N MET A 173 5.12 2.55 -5.44
CA MET A 173 6.18 3.49 -5.08
C MET A 173 6.83 4.14 -6.30
N LEU A 174 7.04 3.36 -7.38
CA LEU A 174 7.50 4.00 -8.63
C LEU A 174 6.59 5.15 -9.03
N GLU A 175 5.27 4.92 -8.96
CA GLU A 175 4.33 5.99 -9.29
C GLU A 175 4.48 7.17 -8.35
N ALA A 176 4.63 6.89 -7.05
CA ALA A 176 4.77 7.98 -6.11
C ALA A 176 6.01 8.82 -6.43
N ALA A 177 7.13 8.17 -6.71
CA ALA A 177 8.32 8.94 -7.10
C ALA A 177 8.05 9.73 -8.37
N ALA A 178 7.39 9.10 -9.36
CA ALA A 178 7.12 9.79 -10.63
C ALA A 178 6.36 11.07 -10.41
N LEU A 179 5.40 11.03 -9.48
CA LEU A 179 4.46 12.11 -9.33
C LEU A 179 4.96 13.16 -8.35
N THR A 180 5.62 12.74 -7.27
CA THR A 180 5.92 13.67 -6.18
C THR A 180 7.38 14.09 -6.11
N GLY A 181 8.27 13.46 -6.86
CA GLY A 181 9.70 13.77 -6.76
C GLY A 181 10.41 13.12 -5.60
N LEU A 182 9.81 12.11 -4.97
CA LEU A 182 10.48 11.32 -3.94
C LEU A 182 11.83 10.78 -4.43
N ASP A 183 12.81 10.70 -3.52
CA ASP A 183 14.07 9.98 -3.76
C ASP A 183 13.85 8.51 -3.37
N LEU A 184 13.64 7.66 -4.35
CA LEU A 184 13.22 6.28 -4.11
C LEU A 184 14.36 5.33 -4.42
N ARG A 185 14.68 4.46 -3.47
CA ARG A 185 15.73 3.46 -3.58
C ARG A 185 15.09 2.08 -3.51
N LEU A 186 15.20 1.30 -4.59
CA LEU A 186 14.78 -0.10 -4.52
C LEU A 186 16.05 -0.92 -4.31
N VAL A 187 16.20 -1.45 -3.09
CA VAL A 187 17.43 -2.07 -2.62
C VAL A 187 17.15 -3.57 -2.55
N ALA A 188 17.60 -4.30 -3.57
CA ALA A 188 17.03 -5.60 -3.85
C ALA A 188 17.93 -6.36 -4.80
N PRO A 189 17.94 -7.70 -4.74
CA PRO A 189 18.55 -8.48 -5.83
C PRO A 189 17.88 -8.17 -7.17
N LYS A 190 18.70 -8.19 -8.24
CA LYS A 190 18.23 -7.82 -9.59
C LYS A 190 17.01 -8.63 -10.03
N ALA A 191 16.93 -9.91 -9.62
CA ALA A 191 15.74 -10.69 -9.98
C ALA A 191 14.48 -10.20 -9.28
N CYS A 192 14.58 -9.34 -8.28
CA CYS A 192 13.45 -8.86 -7.51
C CYS A 192 13.19 -7.39 -7.76
N TRP A 193 13.50 -6.91 -9.03
CA TRP A 193 13.25 -5.53 -9.42
C TRP A 193 11.95 -5.42 -10.20
N PRO A 194 11.20 -4.32 -10.09
CA PRO A 194 10.01 -4.15 -10.94
C PRO A 194 10.43 -4.13 -12.41
N GLN A 195 9.42 -4.20 -13.29
CA GLN A 195 9.69 -4.29 -14.72
C GLN A 195 10.38 -3.03 -15.24
N ALA A 196 11.34 -3.23 -16.17
CA ALA A 196 12.22 -2.15 -16.60
C ALA A 196 11.46 -1.03 -17.30
N ALA A 197 10.43 -1.38 -18.08
CA ALA A 197 9.72 -0.33 -18.83
C ALA A 197 8.97 0.60 -17.89
N LEU A 198 8.27 0.04 -16.89
CA LEU A 198 7.61 0.92 -15.93
C LEU A 198 8.63 1.71 -15.13
N VAL A 199 9.76 1.09 -14.79
CA VAL A 199 10.80 1.83 -14.08
C VAL A 199 11.30 2.99 -14.95
N ALA A 200 11.55 2.74 -16.23
CA ALA A 200 12.08 3.80 -17.09
C ALA A 200 11.06 4.94 -17.26
N GLU A 201 9.78 4.59 -17.40
CA GLU A 201 8.75 5.62 -17.54
C GLU A 201 8.68 6.49 -16.28
N CYS A 202 8.61 5.85 -15.10
CA CYS A 202 8.48 6.61 -13.87
C CYS A 202 9.75 7.39 -13.57
N SER A 203 10.91 6.86 -13.98
CA SER A 203 12.17 7.57 -13.75
C SER A 203 12.22 8.87 -14.54
N ALA A 204 11.78 8.84 -15.81
CA ALA A 204 11.67 10.09 -16.58
C ALA A 204 10.75 11.09 -15.89
N MET A 205 9.59 10.63 -15.41
CA MET A 205 8.67 11.53 -14.72
C MET A 205 9.28 12.04 -13.42
N ALA A 206 9.94 11.15 -12.66
CA ALA A 206 10.45 11.55 -11.35
C ALA A 206 11.50 12.63 -11.50
N LYS A 207 12.39 12.45 -12.47
CA LYS A 207 13.44 13.44 -12.77
C LYS A 207 12.82 14.81 -12.99
N LYS A 208 11.78 14.87 -13.83
CA LYS A 208 11.08 16.12 -14.11
C LYS A 208 10.53 16.77 -12.84
N ASN A 209 10.20 15.98 -11.83
CA ASN A 209 9.60 16.50 -10.61
C ASN A 209 10.60 16.63 -9.46
N GLY A 210 11.89 16.58 -9.76
CA GLY A 210 12.91 16.80 -8.75
C GLY A 210 13.32 15.58 -7.96
N GLY A 211 12.86 14.39 -8.38
CA GLY A 211 13.21 13.17 -7.71
C GLY A 211 14.15 12.30 -8.51
N ALA A 212 14.20 11.03 -8.13
CA ALA A 212 15.12 10.05 -8.70
C ALA A 212 14.68 8.67 -8.23
N ILE A 213 14.92 7.68 -9.08
CA ILE A 213 14.61 6.30 -8.76
C ILE A 213 15.88 5.51 -9.00
N THR A 214 16.38 4.84 -7.95
CA THR A 214 17.60 4.03 -8.04
C THR A 214 17.26 2.58 -7.74
N LEU A 215 17.67 1.66 -8.62
CA LEU A 215 17.58 0.23 -8.35
C LEU A 215 19.00 -0.29 -8.18
N THR A 216 19.28 -0.91 -7.03
CA THR A 216 20.64 -1.37 -6.76
C THR A 216 20.63 -2.60 -5.87
N GLU A 217 21.60 -3.49 -6.09
CA GLU A 217 21.80 -4.60 -5.16
C GLU A 217 22.66 -4.20 -3.97
N ASP A 218 23.28 -3.01 -3.98
CA ASP A 218 24.27 -2.65 -2.97
C ASP A 218 23.58 -1.98 -1.79
N ILE A 219 23.61 -2.64 -0.62
CA ILE A 219 22.80 -2.16 0.50
C ILE A 219 23.36 -0.87 1.05
N ALA A 220 24.69 -0.79 1.19
CA ALA A 220 25.32 0.38 1.79
C ALA A 220 25.03 1.66 1.00
N SER A 221 25.24 1.65 -0.32
CA SER A 221 24.89 2.87 -1.07
C SER A 221 23.39 3.01 -1.24
N GLY A 222 22.65 1.91 -1.29
CA GLY A 222 21.20 2.00 -1.47
C GLY A 222 20.49 2.70 -0.33
N VAL A 223 20.86 2.37 0.91
CA VAL A 223 20.10 2.89 2.06
C VAL A 223 20.68 4.17 2.62
N LYS A 224 21.84 4.62 2.14
CA LYS A 224 22.49 5.82 2.67
C LYS A 224 21.60 7.05 2.53
N GLY A 225 21.38 7.74 3.64
CA GLY A 225 20.52 8.91 3.62
C GLY A 225 19.03 8.65 3.74
N ALA A 226 18.60 7.39 3.92
CA ALA A 226 17.16 7.10 3.92
C ALA A 226 16.45 7.77 5.09
N ASP A 227 15.27 8.34 4.78
CA ASP A 227 14.35 8.72 5.83
C ASP A 227 13.48 7.55 6.30
N PHE A 228 13.18 6.61 5.40
CA PHE A 228 12.31 5.50 5.72
C PHE A 228 12.83 4.26 5.00
N ILE A 229 12.78 3.12 5.69
CA ILE A 229 13.03 1.81 5.09
C ILE A 229 11.75 1.00 5.19
N TYR A 230 11.23 0.57 4.05
CA TYR A 230 10.04 -0.26 3.96
C TYR A 230 10.47 -1.65 3.54
N THR A 231 9.76 -2.66 4.04
CA THR A 231 9.94 -4.00 3.50
C THR A 231 8.64 -4.78 3.66
N ASP A 232 8.61 -5.97 3.09
CA ASP A 232 7.46 -6.85 3.20
C ASP A 232 7.96 -8.30 3.10
N VAL A 233 7.05 -9.26 3.23
CA VAL A 233 7.44 -10.66 3.31
C VAL A 233 8.14 -11.11 2.03
N TRP A 234 9.00 -12.13 2.17
CA TRP A 234 9.82 -12.61 1.07
C TRP A 234 9.17 -13.72 0.27
N VAL A 235 8.23 -14.46 0.85
CA VAL A 235 7.61 -15.60 0.19
C VAL A 235 6.11 -15.53 0.45
N SER A 236 5.32 -15.94 -0.53
CA SER A 236 3.87 -15.94 -0.43
C SER A 236 3.34 -17.34 -0.72
N MET A 237 2.24 -17.69 -0.06
CA MET A 237 1.57 -18.96 -0.32
C MET A 237 0.84 -18.87 -1.66
N GLY A 238 1.16 -19.78 -2.58
CA GLY A 238 0.66 -19.71 -3.93
C GLY A 238 1.82 -19.84 -4.89
N GLU A 239 2.82 -19.01 -4.71
CA GLU A 239 4.12 -19.30 -5.29
C GLU A 239 4.62 -20.62 -4.74
N PRO A 240 5.18 -21.49 -5.59
CA PRO A 240 5.40 -22.89 -5.18
C PRO A 240 6.39 -23.01 -4.04
N LYS A 241 6.03 -23.85 -3.06
CA LYS A 241 6.82 -23.98 -1.84
C LYS A 241 8.26 -24.40 -2.12
N GLU A 242 8.49 -25.16 -3.18
CA GLU A 242 9.85 -25.61 -3.48
C GLU A 242 10.74 -24.50 -4.05
N LYS A 243 10.16 -23.36 -4.42
CA LYS A 243 10.95 -22.20 -4.81
C LYS A 243 11.38 -21.35 -3.60
N TRP A 244 10.79 -21.59 -2.42
CA TRP A 244 11.10 -20.77 -1.25
C TRP A 244 12.58 -20.81 -0.91
N ALA A 245 13.21 -21.99 -1.01
CA ALA A 245 14.60 -22.12 -0.59
C ALA A 245 15.52 -21.19 -1.36
N GLU A 246 15.37 -21.15 -2.69
CA GLU A 246 16.22 -20.26 -3.48
C GLU A 246 15.86 -18.79 -3.28
N ARG A 247 14.56 -18.48 -3.11
CA ARG A 247 14.17 -17.10 -2.84
C ARG A 247 14.72 -16.60 -1.52
N ILE A 248 14.60 -17.41 -0.47
CA ILE A 248 15.15 -17.03 0.83
C ILE A 248 16.66 -16.92 0.73
N ALA A 249 17.32 -17.84 0.02
CA ALA A 249 18.77 -17.73 -0.13
C ALA A 249 19.15 -16.42 -0.79
N LEU A 250 18.34 -15.98 -1.74
CA LEU A 250 18.62 -14.74 -2.46
C LEU A 250 18.35 -13.52 -1.58
N LEU A 251 17.26 -13.55 -0.80
CA LEU A 251 16.78 -12.37 -0.11
C LEU A 251 17.31 -12.20 1.32
N ARG A 252 17.90 -13.24 1.93
CA ARG A 252 18.14 -13.10 3.37
C ARG A 252 19.21 -12.05 3.69
N ASP A 253 20.12 -11.76 2.76
CA ASP A 253 21.05 -10.63 2.96
C ASP A 253 20.34 -9.29 3.02
N TYR A 254 19.09 -9.20 2.55
CA TYR A 254 18.36 -7.94 2.50
C TYR A 254 17.42 -7.76 3.67
N GLN A 255 17.57 -8.57 4.71
CA GLN A 255 16.78 -8.43 5.93
C GLN A 255 16.95 -7.04 6.51
N VAL A 256 15.84 -6.40 6.90
CA VAL A 256 15.96 -5.13 7.61
C VAL A 256 16.32 -5.44 9.05
N ASN A 257 17.55 -5.12 9.45
CA ASN A 257 18.02 -5.36 10.81
C ASN A 257 18.72 -4.11 11.32
N SER A 258 19.21 -4.17 12.56
CA SER A 258 19.88 -3.00 13.13
C SER A 258 21.06 -2.54 12.29
N GLN A 259 21.77 -3.46 11.65
CA GLN A 259 22.89 -3.08 10.79
C GLN A 259 22.42 -2.25 9.60
N MET A 260 21.36 -2.71 8.93
CA MET A 260 20.86 -1.95 7.78
C MET A 260 20.37 -0.58 8.22
N MET A 261 19.70 -0.50 9.37
CA MET A 261 19.21 0.79 9.85
C MET A 261 20.38 1.74 10.11
N ALA A 262 21.45 1.24 10.74
CA ALA A 262 22.62 2.07 11.01
C ALA A 262 23.34 2.49 9.73
N LEU A 263 23.34 1.64 8.71
CA LEU A 263 23.99 1.99 7.45
C LEU A 263 23.34 3.20 6.76
N THR A 264 22.11 3.57 7.12
CA THR A 264 21.55 4.81 6.57
C THR A 264 22.35 6.03 7.01
N GLY A 265 23.06 5.94 8.12
CA GLY A 265 23.71 7.11 8.67
C GLY A 265 22.76 8.14 9.23
N ASN A 266 21.48 7.77 9.38
CA ASN A 266 20.42 8.69 9.80
C ASN A 266 19.80 8.20 11.11
N PRO A 267 20.13 8.83 12.25
CA PRO A 267 19.58 8.35 13.53
C PRO A 267 18.06 8.39 13.61
N GLN A 268 17.39 9.20 12.77
CA GLN A 268 15.93 9.30 12.80
C GLN A 268 15.24 8.47 11.73
N VAL A 269 15.94 7.50 11.13
CA VAL A 269 15.30 6.69 10.10
C VAL A 269 14.13 5.91 10.72
N LYS A 270 13.04 5.78 9.98
CA LYS A 270 11.88 5.04 10.48
C LYS A 270 11.65 3.80 9.64
N PHE A 271 10.93 2.84 10.22
CA PHE A 271 10.70 1.56 9.56
C PHE A 271 9.21 1.37 9.25
N LEU A 272 8.91 0.97 8.01
CA LEU A 272 7.56 0.69 7.54
C LEU A 272 7.47 -0.74 7.01
N HIS A 273 6.25 -1.26 7.00
CA HIS A 273 6.00 -2.66 6.62
C HIS A 273 4.49 -2.90 6.52
N CYS A 274 3.99 -3.23 5.33
CA CYS A 274 2.59 -3.62 5.18
C CYS A 274 2.35 -4.87 6.01
N LEU A 275 1.41 -4.80 6.97
CA LEU A 275 1.25 -5.97 7.84
C LEU A 275 0.45 -7.06 7.11
N PRO A 276 0.65 -8.33 7.46
CA PRO A 276 1.47 -8.89 8.56
C PRO A 276 2.96 -8.97 8.26
N ALA A 277 3.75 -9.04 9.33
CA ALA A 277 5.20 -9.18 9.23
C ALA A 277 5.60 -10.44 9.96
N PHE A 278 6.66 -11.12 9.45
CA PHE A 278 7.22 -12.30 10.12
C PHE A 278 8.47 -11.86 10.86
N HIS A 279 8.29 -11.43 12.10
CA HIS A 279 9.38 -10.83 12.85
C HIS A 279 9.78 -11.59 14.10
N ASP A 280 9.13 -12.70 14.41
CA ASP A 280 9.47 -13.47 15.61
C ASP A 280 8.90 -14.88 15.42
N ASP A 281 8.91 -15.67 16.49
CA ASP A 281 8.37 -17.05 16.44
C ASP A 281 6.92 -17.16 16.88
N GLU A 282 6.19 -16.06 16.97
CA GLU A 282 4.85 -16.08 17.56
C GLU A 282 3.74 -16.27 16.54
N THR A 283 4.06 -16.83 15.38
CA THR A 283 3.05 -17.36 14.46
C THR A 283 3.46 -18.77 14.08
N THR A 284 2.47 -19.62 13.82
CA THR A 284 2.75 -20.99 13.44
C THR A 284 3.61 -21.02 12.18
N LEU A 285 3.22 -20.25 11.16
CA LEU A 285 3.95 -20.24 9.89
C LEU A 285 5.34 -19.62 10.06
N GLY A 286 5.43 -18.49 10.77
CA GLY A 286 6.74 -17.87 10.98
C GLY A 286 7.69 -18.77 11.74
N LYS A 287 7.18 -19.48 12.75
CA LYS A 287 8.05 -20.37 13.51
C LYS A 287 8.53 -21.54 12.65
N LYS A 288 7.66 -22.05 11.79
CA LYS A 288 8.07 -23.15 10.92
C LYS A 288 9.12 -22.69 9.91
N MET A 289 8.89 -21.53 9.29
CA MET A 289 9.87 -21.03 8.32
C MET A 289 11.18 -20.67 8.99
N ALA A 290 11.13 -20.09 10.21
CA ALA A 290 12.36 -19.79 10.92
C ALA A 290 13.17 -21.05 11.14
N GLU A 291 12.49 -22.14 11.51
CA GLU A 291 13.21 -23.38 11.78
C GLU A 291 13.69 -24.02 10.47
N GLU A 292 12.86 -23.99 9.43
CA GLU A 292 13.23 -24.69 8.19
C GLU A 292 14.34 -23.98 7.43
N TYR A 293 14.40 -22.65 7.44
CA TYR A 293 15.37 -21.91 6.64
C TYR A 293 16.41 -21.17 7.48
N GLY A 294 16.39 -21.35 8.80
CA GLY A 294 17.39 -20.73 9.65
C GLY A 294 17.15 -19.24 9.79
N LEU A 295 15.95 -18.86 10.23
CA LEU A 295 15.63 -17.44 10.36
C LEU A 295 15.00 -17.14 11.72
N HIS A 296 15.41 -17.83 12.79
CA HIS A 296 14.96 -17.39 14.10
C HIS A 296 15.42 -15.97 14.33
N GLY A 297 14.59 -15.17 14.98
CA GLY A 297 14.88 -13.77 15.21
C GLY A 297 14.17 -12.86 14.24
N GLY A 298 13.50 -13.42 13.25
CA GLY A 298 12.77 -12.59 12.31
C GLY A 298 13.23 -12.88 10.89
N MET A 299 12.29 -12.74 9.95
CA MET A 299 12.58 -13.03 8.56
C MET A 299 12.98 -11.74 7.84
N GLU A 300 12.04 -11.09 7.16
CA GLU A 300 12.35 -9.89 6.41
C GLU A 300 12.66 -8.71 7.30
N VAL A 301 12.26 -8.75 8.57
CA VAL A 301 12.71 -7.77 9.54
C VAL A 301 12.92 -8.48 10.88
N THR A 302 13.93 -8.05 11.64
CA THR A 302 14.20 -8.66 12.93
C THR A 302 13.19 -8.16 13.96
N ASP A 303 12.96 -8.99 14.98
CA ASP A 303 12.08 -8.54 16.05
C ASP A 303 12.61 -7.24 16.66
N GLU A 304 13.94 -7.10 16.74
CA GLU A 304 14.52 -5.90 17.35
C GLU A 304 14.13 -4.64 16.57
N VAL A 305 14.32 -4.65 15.26
CA VAL A 305 13.87 -3.49 14.48
C VAL A 305 12.36 -3.33 14.60
N PHE A 306 11.61 -4.44 14.45
CA PHE A 306 10.15 -4.34 14.41
C PHE A 306 9.58 -3.72 15.69
N GLU A 307 10.17 -4.02 16.85
CA GLU A 307 9.69 -3.49 18.12
C GLU A 307 10.42 -2.23 18.54
N SER A 308 11.37 -1.74 17.75
CA SER A 308 12.15 -0.57 18.13
C SER A 308 11.32 0.70 18.02
N ALA A 309 11.87 1.78 18.59
CA ALA A 309 11.24 3.08 18.54
C ALA A 309 11.17 3.62 17.13
N ALA A 310 12.08 3.17 16.25
CA ALA A 310 12.05 3.59 14.86
C ALA A 310 10.88 2.97 14.10
N SER A 311 10.29 1.90 14.61
CA SER A 311 9.25 1.19 13.88
C SER A 311 7.95 1.96 13.98
N ILE A 312 7.35 2.32 12.84
CA ILE A 312 6.09 3.04 12.89
C ILE A 312 5.02 2.24 12.19
N VAL A 313 5.12 0.90 12.23
CA VAL A 313 4.19 0.05 11.47
C VAL A 313 2.76 0.14 11.98
N PHE A 314 2.53 0.40 13.28
CA PHE A 314 1.15 0.42 13.74
C PHE A 314 0.48 1.76 13.46
N ASP A 315 1.26 2.86 13.38
CA ASP A 315 0.73 4.13 12.85
C ASP A 315 0.35 3.97 11.38
N GLU A 316 1.26 3.37 10.61
CA GLU A 316 1.00 3.04 9.21
C GLU A 316 -0.27 2.21 9.05
N ALA A 317 -0.42 1.16 9.86
CA ALA A 317 -1.62 0.31 9.75
C ALA A 317 -2.88 1.11 10.06
N GLU A 318 -2.85 1.92 11.12
CA GLU A 318 -4.02 2.74 11.44
C GLU A 318 -4.34 3.69 10.30
N ASN A 319 -3.31 4.25 9.66
CA ASN A 319 -3.52 5.24 8.60
C ASN A 319 -4.13 4.66 7.32
N ARG A 320 -4.16 3.34 7.16
CA ARG A 320 -4.98 2.75 6.12
C ARG A 320 -6.43 3.23 6.26
N MET A 321 -6.97 3.18 7.48
CA MET A 321 -8.37 3.53 7.67
C MET A 321 -8.63 5.01 7.35
N HIS A 322 -7.76 5.90 7.82
CA HIS A 322 -7.99 7.34 7.61
C HIS A 322 -7.87 7.72 6.14
N THR A 323 -6.94 7.10 5.40
CA THR A 323 -6.79 7.42 3.98
C THR A 323 -7.88 6.75 3.16
N ILE A 324 -8.28 5.52 3.50
CA ILE A 324 -9.44 4.94 2.84
C ILE A 324 -10.65 5.87 2.99
N LYS A 325 -10.87 6.34 4.22
CA LYS A 325 -11.98 7.23 4.48
C LYS A 325 -11.88 8.49 3.62
N ALA A 326 -10.67 9.06 3.50
CA ALA A 326 -10.53 10.27 2.69
C ALA A 326 -10.93 9.99 1.23
N VAL A 327 -10.53 8.85 0.68
CA VAL A 327 -10.94 8.51 -0.69
C VAL A 327 -12.46 8.43 -0.79
N MET A 328 -13.11 7.72 0.13
CA MET A 328 -14.57 7.60 0.08
C MET A 328 -15.25 8.97 0.21
N VAL A 329 -14.79 9.80 1.14
CA VAL A 329 -15.43 11.12 1.34
C VAL A 329 -15.20 12.01 0.12
N ALA A 330 -13.96 12.05 -0.39
CA ALA A 330 -13.62 12.95 -1.50
C ALA A 330 -14.38 12.58 -2.78
N THR A 331 -14.65 11.29 -3.01
CA THR A 331 -15.32 10.87 -4.24
C THR A 331 -16.83 10.78 -4.11
N LEU A 332 -17.39 10.67 -2.90
CA LEU A 332 -18.84 10.51 -2.75
C LEU A 332 -19.56 11.76 -2.25
N SER A 333 -18.85 12.72 -1.68
CA SER A 333 -19.51 13.88 -1.09
C SER A 333 -18.94 15.14 -1.71
N LYS A 334 -19.84 16.09 -2.00
CA LYS A 334 -19.52 17.32 -2.71
C LYS A 334 -19.15 18.42 -1.73
C1 GOL B . 17.66 -19.91 13.16
O1 GOL B . 17.70 -21.17 12.68
C2 GOL B . 18.79 -19.26 13.07
O2 GOL B . 18.94 -19.01 11.79
C3 GOL B . 18.53 -17.98 13.87
O3 GOL B . 19.54 -17.80 14.83
P PO4 C . -22.06 -8.62 4.96
O1 PO4 C . -21.34 -9.74 5.65
O2 PO4 C . -23.45 -8.54 5.50
O3 PO4 C . -22.20 -9.06 3.51
O4 PO4 C . -21.33 -7.27 5.11
P PO4 D . -24.15 5.98 13.00
O1 PO4 D . -24.08 4.49 13.21
O2 PO4 D . -23.05 6.68 13.75
O3 PO4 D . -25.49 6.49 13.50
O4 PO4 D . -24.00 6.30 11.53
P PO4 E . -6.96 -3.75 7.03
O1 PO4 E . -6.22 -5.08 7.04
O2 PO4 E . -8.15 -3.84 7.94
O3 PO4 E . -7.40 -3.41 5.63
O4 PO4 E . -6.02 -2.66 7.51
#